data_1UTE
#
_entry.id   1UTE
#
_cell.length_a   64.610
_cell.length_b   70.010
_cell.length_c   77.110
_cell.angle_alpha   90.00
_cell.angle_beta   90.00
_cell.angle_gamma   90.00
#
_symmetry.space_group_name_H-M   'P 21 21 21'
#
loop_
_entity.id
_entity.type
_entity.pdbx_description
1 polymer 'PROTEIN (II PURPLE ACID PHOSPHATASE)'
2 branched 2-acetamido-2-deoxy-beta-D-glucopyranose-(1-4)-2-acetamido-2-deoxy-beta-D-glucopyranose
3 non-polymer 'PHOSPHATE ION'
4 non-polymer MU-OXO-DIIRON
5 non-polymer 'ISOPROPYL ALCOHOL'
6 water water
#
_entity_poly.entity_id   1
_entity_poly.type   'polypeptide(L)'
_entity_poly.pdbx_seq_one_letter_code
;TAPTPILRFVAVGDWGGVPNAPFHTAREMANAKAIATTVKTLGADFILSLGDNFYFTGVHDAKDKRFQETFEDVFSDPSL
RNVPWHVLAGNHDHLGNVSAQIAYSKISKRWNFPSPYYRLRFKIPRSNVSVAIFMLDTVTLCGNSDDFVSQQPERPRNLA
LARTQLAWIKKQLAAAKEDYVLVAGHYPVWSIAEHGPTHCLVKQLLPLLTTHKVTAYLCGHDHNLQYLQDENGLGFVLSG
AGNFMDPSKKHLRKVPNGYLRFHFGAENSLGGFAYVEITPKEMSVTYIEASGKSLFKTKLPRRARSEHQHRRA
;
_entity_poly.pdbx_strand_id   A
#
# COMPACT_ATOMS: atom_id res chain seq x y z
N PRO A 3 28.78 -7.65 3.52
CA PRO A 3 27.60 -7.10 2.80
C PRO A 3 26.72 -6.28 3.72
N THR A 4 26.22 -5.15 3.24
CA THR A 4 25.36 -4.31 4.05
C THR A 4 24.03 -4.99 4.32
N PRO A 5 23.65 -5.16 5.61
CA PRO A 5 22.36 -5.80 5.89
C PRO A 5 21.26 -5.09 5.13
N ILE A 6 20.25 -5.82 4.70
CA ILE A 6 19.16 -5.21 3.94
C ILE A 6 17.87 -6.01 4.02
N LEU A 7 16.76 -5.28 4.00
CA LEU A 7 15.41 -5.87 4.00
C LEU A 7 14.80 -5.25 2.76
N ARG A 8 14.22 -6.08 1.89
CA ARG A 8 13.65 -5.57 0.64
C ARG A 8 12.22 -6.04 0.42
N PHE A 9 11.38 -5.15 -0.12
CA PHE A 9 10.00 -5.53 -0.41
C PHE A 9 9.38 -4.66 -1.48
N VAL A 10 8.37 -5.23 -2.14
CA VAL A 10 7.64 -4.53 -3.20
C VAL A 10 6.32 -4.02 -2.60
N ALA A 11 5.98 -2.77 -2.88
CA ALA A 11 4.72 -2.18 -2.41
C ALA A 11 3.87 -1.90 -3.65
N VAL A 12 2.78 -2.64 -3.82
CA VAL A 12 1.92 -2.45 -4.98
C VAL A 12 0.48 -2.27 -4.53
N GLY A 13 -0.22 -1.34 -5.16
CA GLY A 13 -1.60 -1.12 -4.79
C GLY A 13 -2.57 -1.11 -5.95
N ASP A 14 -3.86 -1.30 -5.66
CA ASP A 14 -4.91 -1.27 -6.67
C ASP A 14 -4.57 -2.10 -7.90
N TRP A 15 -4.26 -3.37 -7.67
CA TRP A 15 -3.88 -4.30 -8.74
C TRP A 15 -5.03 -5.27 -9.05
N GLY A 16 -6.14 -5.10 -8.36
CA GLY A 16 -7.26 -6.02 -8.46
C GLY A 16 -7.94 -6.44 -9.73
N GLY A 17 -7.26 -6.29 -10.88
CA GLY A 17 -7.82 -6.72 -12.12
C GLY A 17 -9.23 -6.27 -12.41
N VAL A 18 -10.06 -7.19 -12.94
CA VAL A 18 -11.44 -6.90 -13.28
C VAL A 18 -12.33 -8.11 -13.00
N PRO A 19 -13.65 -7.89 -12.83
CA PRO A 19 -14.62 -8.96 -12.56
C PRO A 19 -15.06 -9.77 -13.79
N ASN A 20 -14.81 -9.21 -14.97
CA ASN A 20 -15.18 -9.90 -16.20
C ASN A 20 -13.94 -10.55 -16.83
N ALA A 21 -14.14 -11.63 -17.57
CA ALA A 21 -13.02 -12.33 -18.21
C ALA A 21 -12.17 -11.31 -18.95
N PRO A 22 -10.84 -11.48 -18.94
CA PRO A 22 -10.09 -12.57 -18.30
C PRO A 22 -9.75 -12.41 -16.81
N PHE A 23 -10.41 -11.46 -16.14
CA PHE A 23 -10.21 -11.21 -14.72
C PHE A 23 -8.93 -10.48 -14.34
N HIS A 24 -8.27 -9.91 -15.34
CA HIS A 24 -7.08 -9.12 -15.12
C HIS A 24 -7.01 -8.10 -16.24
N THR A 25 -6.08 -7.17 -16.14
CA THR A 25 -5.92 -6.11 -17.14
C THR A 25 -4.51 -6.21 -17.72
N ALA A 26 -4.26 -5.54 -18.85
CA ALA A 26 -2.94 -5.56 -19.47
C ALA A 26 -1.96 -4.93 -18.47
N ARG A 27 -2.46 -3.96 -17.71
CA ARG A 27 -1.65 -3.30 -16.71
C ARG A 27 -1.30 -4.23 -15.57
N GLU A 28 -2.28 -5.00 -15.09
CA GLU A 28 -2.00 -5.92 -13.99
C GLU A 28 -0.97 -6.96 -14.45
N MET A 29 -1.12 -7.44 -15.68
CA MET A 29 -0.19 -8.44 -16.19
C MET A 29 1.21 -7.84 -16.34
N ALA A 30 1.27 -6.61 -16.82
CA ALA A 30 2.56 -5.94 -16.99
C ALA A 30 3.26 -5.81 -15.64
N ASN A 31 2.52 -5.36 -14.63
CA ASN A 31 3.11 -5.20 -13.31
C ASN A 31 3.50 -6.52 -12.70
N ALA A 32 2.76 -7.58 -13.01
CA ALA A 32 3.09 -8.89 -12.46
C ALA A 32 4.44 -9.31 -13.02
N LYS A 33 4.64 -9.07 -14.31
CA LYS A 33 5.89 -9.42 -14.98
C LYS A 33 7.02 -8.55 -14.45
N ALA A 34 6.77 -7.25 -14.37
CA ALA A 34 7.76 -6.30 -13.90
C ALA A 34 8.16 -6.62 -12.47
N ILE A 35 7.20 -6.95 -11.62
CA ILE A 35 7.53 -7.27 -10.24
C ILE A 35 8.36 -8.56 -10.19
N ALA A 36 8.01 -9.53 -11.05
CA ALA A 36 8.74 -10.79 -11.09
C ALA A 36 10.19 -10.56 -11.51
N THR A 37 10.41 -9.60 -12.39
CA THR A 37 11.76 -9.29 -12.86
C THR A 37 12.58 -8.64 -11.74
N THR A 38 11.97 -7.71 -11.01
CA THR A 38 12.65 -7.02 -9.92
C THR A 38 13.01 -7.99 -8.78
N VAL A 39 12.08 -8.88 -8.44
CA VAL A 39 12.34 -9.85 -7.39
C VAL A 39 13.44 -10.81 -7.84
N LYS A 40 13.40 -11.18 -9.10
CA LYS A 40 14.41 -12.10 -9.63
C LYS A 40 15.82 -11.53 -9.62
N THR A 41 15.99 -10.29 -10.05
CA THR A 41 17.32 -9.70 -10.10
C THR A 41 17.75 -8.95 -8.84
N LEU A 42 16.82 -8.28 -8.16
CA LEU A 42 17.17 -7.53 -6.96
C LEU A 42 16.74 -8.19 -5.65
N GLY A 43 15.77 -9.09 -5.72
CA GLY A 43 15.31 -9.77 -4.52
C GLY A 43 14.23 -9.03 -3.74
N ALA A 44 13.45 -9.77 -2.98
CA ALA A 44 12.39 -9.19 -2.16
C ALA A 44 12.02 -10.16 -1.04
N ASP A 45 11.98 -9.67 0.19
CA ASP A 45 11.62 -10.52 1.31
C ASP A 45 10.12 -10.77 1.41
N PHE A 46 9.33 -9.82 0.91
CA PHE A 46 7.88 -9.93 0.90
C PHE A 46 7.30 -8.87 -0.02
N ILE A 47 6.00 -8.92 -0.22
CA ILE A 47 5.30 -7.96 -1.06
C ILE A 47 4.14 -7.43 -0.23
N LEU A 48 3.96 -6.11 -0.24
CA LEU A 48 2.88 -5.46 0.48
C LEU A 48 1.82 -4.98 -0.49
N SER A 49 0.58 -5.39 -0.25
CA SER A 49 -0.53 -4.95 -1.09
C SER A 49 -1.18 -3.78 -0.37
N LEU A 50 -1.34 -2.66 -1.06
CA LEU A 50 -1.93 -1.47 -0.48
C LEU A 50 -3.43 -1.27 -0.71
N GLY A 51 -4.15 -2.35 -1.00
CA GLY A 51 -5.59 -2.22 -1.16
C GLY A 51 -6.18 -2.24 -2.56
N ASP A 52 -7.45 -2.63 -2.61
CA ASP A 52 -8.23 -2.76 -3.83
C ASP A 52 -7.65 -3.96 -4.57
N ASN A 53 -7.73 -5.09 -3.88
CA ASN A 53 -7.22 -6.40 -4.31
C ASN A 53 -8.09 -7.11 -5.34
N PHE A 54 -9.38 -6.77 -5.37
CA PHE A 54 -10.30 -7.40 -6.31
C PHE A 54 -11.38 -6.41 -6.73
N TYR A 55 -11.26 -5.92 -7.97
CA TYR A 55 -12.23 -4.98 -8.52
C TYR A 55 -13.42 -5.74 -9.13
N PHE A 56 -14.64 -5.18 -9.06
CA PHE A 56 -14.91 -3.87 -8.44
C PHE A 56 -15.69 -3.98 -7.14
N THR A 57 -16.03 -5.19 -6.73
CA THR A 57 -16.77 -5.40 -5.48
C THR A 57 -16.18 -6.51 -4.60
N GLY A 58 -14.86 -6.69 -4.68
CA GLY A 58 -14.18 -7.69 -3.87
C GLY A 58 -14.57 -9.14 -4.14
N VAL A 59 -14.53 -9.96 -3.09
CA VAL A 59 -14.88 -11.38 -3.20
C VAL A 59 -16.09 -11.71 -2.33
N HIS A 60 -16.85 -12.73 -2.73
CA HIS A 60 -18.04 -13.16 -2.00
C HIS A 60 -17.65 -13.94 -0.74
N ASP A 61 -16.67 -14.84 -0.88
CA ASP A 61 -16.20 -15.64 0.24
C ASP A 61 -14.77 -16.12 -0.02
N ALA A 62 -14.21 -16.85 0.93
CA ALA A 62 -12.85 -17.35 0.82
C ALA A 62 -12.64 -18.27 -0.37
N LYS A 63 -13.72 -18.79 -0.95
CA LYS A 63 -13.64 -19.72 -2.08
C LYS A 63 -13.88 -19.04 -3.43
N ASP A 64 -14.05 -17.73 -3.41
CA ASP A 64 -14.30 -16.97 -4.63
C ASP A 64 -13.23 -17.32 -5.68
N LYS A 65 -13.66 -17.64 -6.90
CA LYS A 65 -12.72 -17.99 -7.97
C LYS A 65 -11.77 -16.84 -8.26
N ARG A 66 -12.16 -15.62 -7.93
CA ARG A 66 -11.30 -14.46 -8.18
C ARG A 66 -9.91 -14.56 -7.52
N PHE A 67 -9.82 -15.26 -6.39
CA PHE A 67 -8.53 -15.39 -5.72
C PHE A 67 -7.51 -16.02 -6.67
N GLN A 68 -7.93 -17.00 -7.44
CA GLN A 68 -7.01 -17.65 -8.38
C GLN A 68 -6.91 -16.86 -9.68
N GLU A 69 -8.05 -16.44 -10.21
CA GLU A 69 -8.10 -15.71 -11.47
C GLU A 69 -7.40 -14.35 -11.46
N THR A 70 -7.67 -13.54 -10.44
CA THR A 70 -7.08 -12.21 -10.37
C THR A 70 -5.78 -12.14 -9.59
N PHE A 71 -5.56 -13.06 -8.66
CA PHE A 71 -4.32 -13.02 -7.89
C PHE A 71 -3.33 -14.14 -8.17
N GLU A 72 -3.64 -15.35 -7.70
CA GLU A 72 -2.73 -16.48 -7.87
C GLU A 72 -2.22 -16.72 -9.30
N ASP A 73 -3.13 -16.80 -10.26
CA ASP A 73 -2.77 -17.05 -11.65
C ASP A 73 -1.99 -15.92 -12.30
N VAL A 74 -2.22 -14.70 -11.82
CA VAL A 74 -1.55 -13.52 -12.37
C VAL A 74 -0.12 -13.38 -11.87
N PHE A 75 0.08 -13.49 -10.56
CA PHE A 75 1.43 -13.38 -9.97
C PHE A 75 1.97 -14.81 -9.85
N SER A 76 2.08 -15.46 -11.00
CA SER A 76 2.51 -16.85 -11.04
C SER A 76 3.88 -17.10 -11.62
N ASP A 77 4.59 -16.04 -12.00
CA ASP A 77 5.91 -16.24 -12.56
C ASP A 77 6.77 -16.92 -11.50
N PRO A 78 7.68 -17.81 -11.93
CA PRO A 78 8.58 -18.55 -11.03
C PRO A 78 9.23 -17.79 -9.89
N SER A 79 9.73 -16.59 -10.17
CA SER A 79 10.40 -15.80 -9.15
C SER A 79 9.48 -15.40 -8.00
N LEU A 80 8.18 -15.34 -8.25
CA LEU A 80 7.24 -14.95 -7.20
C LEU A 80 6.65 -16.15 -6.45
N ARG A 81 6.98 -17.36 -6.89
CA ARG A 81 6.46 -18.58 -6.29
C ARG A 81 6.29 -18.61 -4.77
N ASN A 82 7.36 -18.33 -4.04
CA ASN A 82 7.30 -18.38 -2.58
C ASN A 82 7.45 -17.03 -1.87
N VAL A 83 7.17 -15.93 -2.55
CA VAL A 83 7.28 -14.62 -1.91
C VAL A 83 6.00 -14.23 -1.16
N PRO A 84 6.10 -14.11 0.19
CA PRO A 84 4.93 -13.76 1.01
C PRO A 84 4.32 -12.41 0.70
N TRP A 85 3.00 -12.33 0.80
CA TRP A 85 2.27 -11.10 0.57
C TRP A 85 1.62 -10.73 1.89
N HIS A 86 1.72 -9.46 2.27
CA HIS A 86 1.07 -8.98 3.50
C HIS A 86 0.06 -8.02 2.94
N VAL A 87 -1.21 -8.34 3.18
CA VAL A 87 -2.30 -7.57 2.61
C VAL A 87 -3.18 -6.75 3.55
N LEU A 88 -3.78 -5.71 2.98
CA LEU A 88 -4.74 -4.88 3.69
C LEU A 88 -5.83 -4.59 2.65
N ALA A 89 -6.99 -4.13 3.10
CA ALA A 89 -8.11 -3.89 2.19
C ALA A 89 -8.35 -2.47 1.75
N GLY A 90 -9.00 -2.35 0.59
CA GLY A 90 -9.34 -1.05 0.05
C GLY A 90 -10.86 -0.90 0.01
N ASN A 91 -11.35 0.22 -0.51
CA ASN A 91 -12.80 0.42 -0.54
C ASN A 91 -13.55 -0.63 -1.34
N HIS A 92 -13.03 -1.00 -2.51
CA HIS A 92 -13.69 -1.99 -3.34
C HIS A 92 -13.72 -3.34 -2.65
N ASP A 93 -12.68 -3.64 -1.89
CA ASP A 93 -12.62 -4.89 -1.17
C ASP A 93 -13.75 -4.88 -0.17
N HIS A 94 -13.98 -3.72 0.43
CA HIS A 94 -15.04 -3.61 1.42
C HIS A 94 -16.46 -3.60 0.84
N LEU A 95 -16.60 -3.45 -0.47
CA LEU A 95 -17.95 -3.53 -1.04
C LEU A 95 -18.30 -5.02 -1.02
N GLY A 96 -17.27 -5.86 -0.96
CA GLY A 96 -17.45 -7.31 -0.92
C GLY A 96 -17.18 -7.87 0.47
N ASN A 97 -16.70 -9.10 0.54
CA ASN A 97 -16.41 -9.80 1.81
C ASN A 97 -14.94 -9.74 2.24
N VAL A 98 -14.59 -8.79 3.12
CA VAL A 98 -13.20 -8.67 3.57
C VAL A 98 -12.81 -9.82 4.50
N SER A 99 -13.78 -10.29 5.28
CA SER A 99 -13.52 -11.39 6.19
C SER A 99 -13.06 -12.56 5.34
N ALA A 100 -13.56 -12.63 4.11
CA ALA A 100 -13.20 -13.67 3.18
C ALA A 100 -11.72 -13.56 2.80
N GLN A 101 -11.25 -12.34 2.57
CA GLN A 101 -9.85 -12.16 2.22
C GLN A 101 -8.99 -12.49 3.42
N ILE A 102 -9.52 -12.23 4.60
CA ILE A 102 -8.77 -12.54 5.82
C ILE A 102 -8.72 -14.05 5.96
N ALA A 103 -9.86 -14.72 5.76
CA ALA A 103 -9.92 -16.17 5.86
C ALA A 103 -9.09 -16.91 4.79
N TYR A 104 -8.89 -16.27 3.64
CA TYR A 104 -8.11 -16.86 2.54
C TYR A 104 -6.64 -17.10 2.94
N SER A 105 -6.22 -16.47 4.03
CA SER A 105 -4.85 -16.62 4.52
C SER A 105 -4.57 -18.08 4.88
N LYS A 106 -5.60 -18.83 5.25
CA LYS A 106 -5.42 -20.23 5.63
C LYS A 106 -5.41 -21.15 4.43
N ILE A 107 -5.86 -20.65 3.28
CA ILE A 107 -5.93 -21.43 2.05
C ILE A 107 -4.64 -21.31 1.24
N SER A 108 -4.18 -20.08 1.05
CA SER A 108 -2.97 -19.83 0.28
C SER A 108 -1.84 -19.46 1.24
N LYS A 109 -0.75 -20.21 1.20
CA LYS A 109 0.40 -19.97 2.07
C LYS A 109 0.94 -18.55 1.96
N ARG A 110 1.17 -18.06 0.74
CA ARG A 110 1.72 -16.72 0.54
C ARG A 110 0.80 -15.52 0.87
N TRP A 111 -0.51 -15.78 1.02
CA TRP A 111 -1.45 -14.71 1.34
C TRP A 111 -1.53 -14.49 2.86
N ASN A 112 -1.09 -13.33 3.32
CA ASN A 112 -1.13 -13.02 4.75
C ASN A 112 -2.00 -11.81 4.98
N PHE A 113 -3.07 -12.03 5.73
CA PHE A 113 -4.05 -10.99 6.02
C PHE A 113 -4.76 -11.54 7.27
N PRO A 114 -4.10 -11.45 8.45
CA PRO A 114 -4.66 -11.94 9.71
C PRO A 114 -5.86 -11.22 10.28
N SER A 115 -5.99 -9.93 10.00
CA SER A 115 -7.12 -9.16 10.50
C SER A 115 -7.17 -7.83 9.75
N PRO A 116 -8.24 -7.04 9.93
CA PRO A 116 -8.35 -5.75 9.22
C PRO A 116 -7.12 -4.87 9.39
N TYR A 117 -6.61 -4.78 10.62
CA TYR A 117 -5.42 -3.98 10.87
C TYR A 117 -4.52 -4.79 11.81
N TYR A 118 -3.21 -4.72 11.59
CA TYR A 118 -2.26 -5.48 12.39
C TYR A 118 -0.86 -4.92 12.27
N ARG A 119 0.03 -5.42 13.12
CA ARG A 119 1.42 -4.98 13.14
C ARG A 119 2.37 -6.05 12.59
N LEU A 120 3.35 -5.61 11.79
CA LEU A 120 4.36 -6.51 11.25
C LEU A 120 5.68 -6.06 11.86
N ARG A 121 6.52 -7.03 12.22
CA ARG A 121 7.82 -6.75 12.79
C ARG A 121 8.91 -7.54 12.06
N PHE A 122 9.97 -6.86 11.63
CA PHE A 122 11.06 -7.50 10.91
C PHE A 122 12.42 -7.14 11.49
N LYS A 123 13.33 -8.11 11.46
CA LYS A 123 14.69 -7.89 11.94
C LYS A 123 15.59 -7.97 10.72
N ILE A 124 16.18 -6.84 10.32
CA ILE A 124 17.06 -6.85 9.16
C ILE A 124 18.16 -7.89 9.38
N PRO A 125 18.29 -8.85 8.44
CA PRO A 125 19.27 -9.93 8.49
C PRO A 125 20.70 -9.49 8.78
N ARG A 126 21.36 -10.25 9.66
CA ARG A 126 22.74 -9.99 10.06
C ARG A 126 22.91 -8.61 10.67
N SER A 127 21.89 -8.17 11.40
CA SER A 127 21.93 -6.86 12.03
C SER A 127 20.96 -6.83 13.18
N ASN A 128 20.98 -5.72 13.91
CA ASN A 128 20.09 -5.56 15.05
C ASN A 128 19.11 -4.43 14.79
N VAL A 129 19.08 -3.95 13.55
CA VAL A 129 18.17 -2.86 13.21
C VAL A 129 16.84 -3.51 12.87
N SER A 130 15.77 -2.96 13.43
CA SER A 130 14.43 -3.49 13.24
C SER A 130 13.50 -2.57 12.47
N VAL A 131 12.44 -3.16 11.92
CA VAL A 131 11.45 -2.44 11.16
C VAL A 131 10.08 -2.88 11.63
N ALA A 132 9.16 -1.91 11.75
CA ALA A 132 7.80 -2.22 12.15
C ALA A 132 6.91 -1.64 11.08
N ILE A 133 5.90 -2.40 10.68
CA ILE A 133 4.97 -1.92 9.67
C ILE A 133 3.57 -2.11 10.22
N PHE A 134 2.84 -1.01 10.29
CA PHE A 134 1.48 -1.03 10.79
C PHE A 134 0.52 -0.97 9.61
N MET A 135 -0.13 -2.11 9.34
CA MET A 135 -1.11 -2.24 8.25
C MET A 135 -2.48 -1.83 8.76
N LEU A 136 -3.03 -0.74 8.22
CA LEU A 136 -4.31 -0.26 8.68
C LEU A 136 -5.45 -0.52 7.72
N ASP A 137 -6.66 -0.45 8.24
CA ASP A 137 -7.85 -0.59 7.42
C ASP A 137 -8.48 0.81 7.46
N THR A 138 -8.15 1.62 6.47
CA THR A 138 -8.63 2.98 6.41
C THR A 138 -10.13 3.06 6.11
N VAL A 139 -10.70 1.97 5.61
CA VAL A 139 -12.12 1.96 5.29
C VAL A 139 -12.95 1.89 6.58
N THR A 140 -12.63 0.95 7.46
CA THR A 140 -13.38 0.83 8.71
C THR A 140 -13.09 2.05 9.58
N LEU A 141 -11.92 2.65 9.38
CA LEU A 141 -11.53 3.83 10.15
C LEU A 141 -12.19 5.10 9.66
N CYS A 142 -12.28 5.26 8.35
CA CYS A 142 -12.85 6.48 7.78
C CYS A 142 -14.18 6.34 7.06
N GLY A 143 -14.48 5.13 6.62
CA GLY A 143 -15.69 4.89 5.86
C GLY A 143 -15.32 4.40 4.47
N ASN A 144 -16.26 3.79 3.77
CA ASN A 144 -16.00 3.28 2.43
C ASN A 144 -16.35 4.39 1.45
N SER A 145 -15.38 4.84 0.66
CA SER A 145 -15.60 5.91 -0.31
C SER A 145 -16.74 5.55 -1.28
N ASP A 146 -16.86 4.28 -1.61
CA ASP A 146 -17.90 3.81 -2.52
C ASP A 146 -19.32 3.99 -1.95
N ASP A 147 -19.40 4.18 -0.63
CA ASP A 147 -20.70 4.36 0.03
C ASP A 147 -21.26 5.77 -0.17
N PHE A 148 -20.47 6.64 -0.77
CA PHE A 148 -20.90 8.01 -0.96
C PHE A 148 -20.75 8.45 -2.41
N VAL A 149 -21.67 9.28 -2.88
CA VAL A 149 -21.66 9.78 -4.26
C VAL A 149 -20.37 10.58 -4.50
N SER A 150 -19.91 11.28 -3.47
CA SER A 150 -18.69 12.10 -3.55
C SER A 150 -17.46 11.21 -3.71
N GLN A 151 -17.63 9.92 -3.44
CA GLN A 151 -16.55 8.95 -3.52
C GLN A 151 -15.42 9.27 -2.56
N GLN A 152 -15.80 9.74 -1.37
CA GLN A 152 -14.85 10.06 -0.29
C GLN A 152 -15.37 9.43 0.99
N PRO A 153 -14.47 8.96 1.86
CA PRO A 153 -14.93 8.35 3.12
C PRO A 153 -15.41 9.45 4.06
N GLU A 154 -16.71 9.77 3.97
CA GLU A 154 -17.32 10.83 4.76
C GLU A 154 -17.56 10.51 6.24
N ARG A 155 -17.71 9.24 6.57
CA ARG A 155 -17.93 8.80 7.94
C ARG A 155 -17.84 7.29 7.99
N PRO A 156 -17.29 6.76 9.10
CA PRO A 156 -17.19 5.30 9.19
C PRO A 156 -18.56 4.68 9.38
N ARG A 157 -18.71 3.43 8.97
CA ARG A 157 -20.00 2.74 9.11
C ARG A 157 -20.28 2.40 10.56
N ASN A 158 -19.24 2.03 11.28
CA ASN A 158 -19.39 1.71 12.68
C ASN A 158 -18.45 2.57 13.52
N LEU A 159 -19.01 3.36 14.42
CA LEU A 159 -18.22 4.24 15.26
C LEU A 159 -17.27 3.54 16.22
N ALA A 160 -17.71 2.48 16.88
CA ALA A 160 -16.86 1.76 17.82
C ALA A 160 -15.63 1.16 17.13
N LEU A 161 -15.82 0.61 15.93
CA LEU A 161 -14.72 0.01 15.19
C LEU A 161 -13.65 1.04 14.85
N ALA A 162 -14.08 2.21 14.39
CA ALA A 162 -13.18 3.30 14.02
C ALA A 162 -12.38 3.83 15.22
N ARG A 163 -13.06 4.08 16.34
CA ARG A 163 -12.38 4.57 17.54
C ARG A 163 -11.42 3.52 18.06
N THR A 164 -11.81 2.26 17.95
CA THR A 164 -10.98 1.17 18.44
C THR A 164 -9.68 1.05 17.64
N GLN A 165 -9.75 1.21 16.33
CA GLN A 165 -8.53 1.12 15.55
C GLN A 165 -7.61 2.29 15.85
N LEU A 166 -8.16 3.50 15.88
CA LEU A 166 -7.37 4.70 16.15
C LEU A 166 -6.65 4.58 17.49
N ALA A 167 -7.37 4.12 18.51
CA ALA A 167 -6.77 3.97 19.83
C ALA A 167 -5.61 2.99 19.70
N TRP A 168 -5.79 1.93 18.93
CA TRP A 168 -4.74 0.94 18.75
C TRP A 168 -3.53 1.57 18.06
N ILE A 169 -3.78 2.39 17.05
CA ILE A 169 -2.71 3.05 16.31
C ILE A 169 -1.90 3.94 17.25
N LYS A 170 -2.61 4.73 18.04
CA LYS A 170 -2.02 5.64 19.02
C LYS A 170 -1.12 4.90 20.01
N LYS A 171 -1.65 3.85 20.58
CA LYS A 171 -0.93 3.04 21.57
C LYS A 171 0.33 2.41 20.94
N GLN A 172 0.15 1.77 19.80
CA GLN A 172 1.25 1.11 19.10
C GLN A 172 2.35 2.08 18.67
N LEU A 173 1.95 3.18 18.05
CA LEU A 173 2.92 4.15 17.59
C LEU A 173 3.66 4.78 18.77
N ALA A 174 3.01 4.87 19.92
CA ALA A 174 3.65 5.46 21.08
C ALA A 174 4.70 4.49 21.64
N ALA A 175 4.37 3.20 21.64
CA ALA A 175 5.26 2.17 22.14
C ALA A 175 6.30 1.66 21.16
N ALA A 176 6.10 1.90 19.87
CA ALA A 176 7.04 1.44 18.85
C ALA A 176 8.47 1.89 19.16
N LYS A 177 9.41 0.96 19.12
CA LYS A 177 10.80 1.27 19.40
C LYS A 177 11.71 0.91 18.22
N GLU A 178 11.12 0.40 17.15
CA GLU A 178 11.90 0.00 15.97
C GLU A 178 12.71 1.12 15.35
N ASP A 179 13.76 0.74 14.66
CA ASP A 179 14.64 1.69 13.99
C ASP A 179 13.93 2.35 12.81
N TYR A 180 13.00 1.62 12.21
CA TYR A 180 12.20 2.13 11.11
C TYR A 180 10.75 1.78 11.40
N VAL A 181 9.86 2.75 11.27
CA VAL A 181 8.44 2.49 11.51
C VAL A 181 7.63 2.94 10.32
N LEU A 182 6.98 1.99 9.66
CA LEU A 182 6.15 2.30 8.51
C LEU A 182 4.68 2.05 8.84
N VAL A 183 3.82 2.91 8.31
CA VAL A 183 2.38 2.77 8.50
C VAL A 183 1.83 2.64 7.07
N ALA A 184 0.94 1.69 6.85
CA ALA A 184 0.36 1.47 5.54
C ALA A 184 -1.16 1.44 5.59
N GLY A 185 -1.79 2.07 4.61
CA GLY A 185 -3.24 2.12 4.55
C GLY A 185 -3.67 2.33 3.10
N HIS A 186 -4.90 1.98 2.75
CA HIS A 186 -5.35 2.16 1.37
C HIS A 186 -5.45 3.63 1.00
N TYR A 187 -6.20 4.40 1.79
CA TYR A 187 -6.40 5.83 1.53
C TYR A 187 -5.15 6.67 1.75
N PRO A 188 -4.96 7.72 0.92
CA PRO A 188 -3.79 8.58 1.08
C PRO A 188 -3.99 9.66 2.12
N VAL A 189 -2.90 10.16 2.67
CA VAL A 189 -2.96 11.25 3.62
C VAL A 189 -2.88 12.41 2.64
N TRP A 190 -1.81 12.47 1.86
CA TRP A 190 -1.62 13.50 0.85
C TRP A 190 -1.62 12.86 -0.53
N SER A 191 -2.22 13.54 -1.49
CA SER A 191 -2.26 13.09 -2.89
C SER A 191 -2.77 14.25 -3.74
N ILE A 192 -2.17 14.43 -4.90
CA ILE A 192 -2.55 15.51 -5.80
C ILE A 192 -3.50 15.04 -6.90
N ALA A 193 -3.81 13.75 -6.92
CA ALA A 193 -4.64 13.20 -7.98
C ALA A 193 -6.16 13.34 -7.83
N GLU A 194 -6.89 12.45 -8.48
CA GLU A 194 -8.35 12.49 -8.48
C GLU A 194 -9.01 12.46 -7.12
N HIS A 195 -8.61 11.54 -6.25
CA HIS A 195 -9.23 11.48 -4.93
C HIS A 195 -8.66 12.59 -4.06
N GLY A 196 -7.34 12.72 -4.05
CA GLY A 196 -6.70 13.74 -3.27
C GLY A 196 -6.53 13.34 -1.82
N PRO A 197 -6.23 14.30 -0.93
CA PRO A 197 -6.03 14.01 0.49
C PRO A 197 -7.28 13.45 1.16
N THR A 198 -7.12 12.51 2.07
CA THR A 198 -8.28 11.97 2.77
C THR A 198 -8.42 12.78 4.07
N HIS A 199 -9.40 13.65 4.14
CA HIS A 199 -9.62 14.49 5.31
C HIS A 199 -9.54 13.73 6.65
N CYS A 200 -10.17 12.55 6.69
CA CYS A 200 -10.18 11.73 7.90
C CYS A 200 -8.77 11.37 8.39
N LEU A 201 -7.86 11.09 7.45
CA LEU A 201 -6.49 10.71 7.80
C LEU A 201 -5.63 11.95 8.11
N VAL A 202 -5.85 13.04 7.40
CA VAL A 202 -5.08 14.27 7.66
C VAL A 202 -5.40 14.74 9.08
N LYS A 203 -6.65 14.60 9.46
CA LYS A 203 -7.11 15.02 10.78
C LYS A 203 -6.76 14.05 11.91
N GLN A 204 -6.99 12.76 11.71
CA GLN A 204 -6.74 11.78 12.76
C GLN A 204 -5.43 11.01 12.76
N LEU A 205 -4.92 10.66 11.59
CA LEU A 205 -3.69 9.89 11.54
C LEU A 205 -2.42 10.73 11.46
N LEU A 206 -2.39 11.67 10.54
CA LEU A 206 -1.22 12.52 10.37
C LEU A 206 -0.64 13.06 11.70
N PRO A 207 -1.49 13.61 12.58
CA PRO A 207 -0.94 14.13 13.84
C PRO A 207 -0.13 13.07 14.57
N LEU A 208 -0.65 11.85 14.54
CA LEU A 208 -0.01 10.71 15.18
C LEU A 208 1.29 10.32 14.46
N LEU A 209 1.26 10.33 13.13
CA LEU A 209 2.45 9.99 12.34
C LEU A 209 3.59 10.92 12.73
N THR A 210 3.24 12.20 12.86
CA THR A 210 4.18 13.26 13.21
C THR A 210 4.70 13.16 14.65
N THR A 211 3.79 13.18 15.62
CA THR A 211 4.18 13.09 17.01
C THR A 211 5.11 11.91 17.29
N HIS A 212 4.84 10.77 16.66
CA HIS A 212 5.65 9.59 16.90
C HIS A 212 6.75 9.27 15.90
N LYS A 213 7.17 10.29 15.17
CA LYS A 213 8.24 10.16 14.20
C LYS A 213 8.21 8.88 13.37
N VAL A 214 7.11 8.66 12.65
CA VAL A 214 7.00 7.48 11.80
C VAL A 214 7.85 7.79 10.58
N THR A 215 8.49 6.77 10.01
CA THR A 215 9.35 6.98 8.84
C THR A 215 8.57 7.41 7.59
N ALA A 216 7.52 6.66 7.25
CA ALA A 216 6.74 6.99 6.07
C ALA A 216 5.39 6.32 6.11
N TYR A 217 4.45 6.91 5.38
CA TYR A 217 3.11 6.36 5.27
C TYR A 217 2.98 5.88 3.84
N LEU A 218 2.62 4.60 3.67
CA LEU A 218 2.46 3.99 2.35
C LEU A 218 0.98 3.81 2.03
N CYS A 219 0.59 4.13 0.80
CA CYS A 219 -0.81 4.00 0.40
C CYS A 219 -1.02 3.82 -1.09
N GLY A 220 -2.28 3.60 -1.46
CA GLY A 220 -2.66 3.44 -2.86
C GLY A 220 -3.87 4.34 -3.11
N HIS A 221 -4.99 3.75 -3.56
CA HIS A 221 -6.24 4.49 -3.80
C HIS A 221 -6.25 5.41 -5.02
N ASP A 222 -5.30 6.34 -5.10
CA ASP A 222 -5.22 7.19 -6.28
C ASP A 222 -4.34 6.38 -7.24
N HIS A 223 -4.83 6.17 -8.46
CA HIS A 223 -4.12 5.35 -9.44
C HIS A 223 -2.98 6.01 -10.19
N ASN A 224 -1.85 6.13 -9.51
CA ASN A 224 -0.65 6.72 -10.08
C ASN A 224 0.47 6.52 -9.07
N LEU A 225 1.62 7.13 -9.34
CA LEU A 225 2.76 7.01 -8.46
C LEU A 225 3.14 8.40 -7.96
N GLN A 226 3.34 8.52 -6.65
CA GLN A 226 3.73 9.81 -6.09
C GLN A 226 4.61 9.65 -4.88
N TYR A 227 5.43 10.66 -4.67
CA TYR A 227 6.27 10.71 -3.50
C TYR A 227 6.11 12.10 -2.94
N LEU A 228 5.73 12.19 -1.67
CA LEU A 228 5.56 13.47 -1.02
C LEU A 228 6.33 13.40 0.30
N GLN A 229 6.77 14.55 0.79
CA GLN A 229 7.52 14.63 2.04
C GLN A 229 7.20 15.96 2.65
N ASP A 230 6.86 16.01 3.93
CA ASP A 230 6.55 17.28 4.57
C ASP A 230 7.79 17.95 5.17
N GLU A 231 7.63 19.15 5.70
CA GLU A 231 8.78 19.87 6.26
C GLU A 231 9.50 19.17 7.41
N ASN A 232 8.87 18.14 7.98
CA ASN A 232 9.47 17.37 9.07
C ASN A 232 10.22 16.15 8.54
N GLY A 233 10.17 15.95 7.23
CA GLY A 233 10.86 14.82 6.63
C GLY A 233 10.04 13.55 6.59
N LEU A 234 8.76 13.64 6.97
CA LEU A 234 7.90 12.45 6.94
C LEU A 234 7.63 12.16 5.47
N GLY A 235 7.83 10.89 5.08
CA GLY A 235 7.62 10.51 3.70
C GLY A 235 6.27 9.90 3.42
N PHE A 236 5.77 10.16 2.22
CA PHE A 236 4.49 9.65 1.79
C PHE A 236 4.68 8.92 0.49
N VAL A 237 4.65 7.59 0.56
CA VAL A 237 4.84 6.75 -0.61
C VAL A 237 3.48 6.29 -1.11
N LEU A 238 3.05 6.85 -2.24
CA LEU A 238 1.77 6.50 -2.85
C LEU A 238 2.04 5.59 -4.04
N SER A 239 1.63 4.33 -3.91
CA SER A 239 1.81 3.33 -4.97
C SER A 239 0.49 2.62 -5.30
N GLY A 240 -0.29 3.19 -6.23
CA GLY A 240 -1.57 2.59 -6.59
C GLY A 240 -1.79 2.45 -8.09
N ALA A 241 -0.76 1.98 -8.80
CA ALA A 241 -0.83 1.84 -10.25
C ALA A 241 -0.59 0.42 -10.75
N GLY A 242 -1.09 -0.57 -10.01
CA GLY A 242 -0.91 -1.95 -10.44
C GLY A 242 -1.95 -2.43 -11.43
N ASN A 243 -3.02 -1.66 -11.64
CA ASN A 243 -4.10 -2.04 -12.56
C ASN A 243 -4.56 -0.87 -13.45
N PHE A 244 -4.45 0.35 -12.96
CA PHE A 244 -4.87 1.54 -13.70
C PHE A 244 -3.86 2.66 -13.59
N MET A 245 -3.97 3.64 -14.50
CA MET A 245 -3.09 4.80 -14.50
C MET A 245 -3.94 6.03 -14.83
N ASP A 246 -4.11 6.91 -13.86
CA ASP A 246 -4.87 8.13 -14.06
C ASP A 246 -3.94 9.32 -13.90
N PRO A 247 -3.91 10.23 -14.89
CA PRO A 247 -3.04 11.40 -14.83
C PRO A 247 -3.65 12.62 -14.16
N SER A 248 -4.77 12.42 -13.45
CA SER A 248 -5.44 13.53 -12.78
C SER A 248 -4.56 14.22 -11.75
N LYS A 249 -4.60 15.55 -11.75
CA LYS A 249 -3.84 16.34 -10.79
C LYS A 249 -4.86 17.27 -10.13
N LYS A 250 -6.12 16.83 -10.12
CA LYS A 250 -7.21 17.62 -9.56
C LYS A 250 -6.97 18.28 -8.21
N HIS A 251 -6.34 17.57 -7.29
CA HIS A 251 -6.08 18.10 -5.95
C HIS A 251 -4.65 18.59 -5.70
N LEU A 252 -3.99 19.04 -6.76
CA LEU A 252 -2.62 19.53 -6.64
C LEU A 252 -2.53 20.66 -5.64
N ARG A 253 -3.52 21.56 -5.66
CA ARG A 253 -3.53 22.71 -4.75
C ARG A 253 -4.08 22.37 -3.36
N LYS A 254 -4.51 21.13 -3.16
CA LYS A 254 -5.03 20.72 -1.86
C LYS A 254 -3.94 20.07 -1.02
N VAL A 255 -2.73 20.00 -1.58
CA VAL A 255 -1.59 19.44 -0.87
C VAL A 255 -0.68 20.62 -0.51
N PRO A 256 -0.19 20.67 0.73
CA PRO A 256 0.68 21.78 1.11
C PRO A 256 1.84 22.04 0.14
N ASN A 257 2.08 23.31 -0.14
CA ASN A 257 3.13 23.75 -1.04
C ASN A 257 4.48 23.08 -0.78
N GLY A 258 5.09 22.55 -1.84
CA GLY A 258 6.40 21.90 -1.72
C GLY A 258 6.42 20.43 -1.33
N TYR A 259 5.28 19.92 -0.87
CA TYR A 259 5.21 18.52 -0.45
C TYR A 259 5.45 17.55 -1.61
N LEU A 260 4.88 17.85 -2.78
CA LEU A 260 5.04 16.97 -3.94
C LEU A 260 6.48 16.91 -4.41
N ARG A 261 7.09 15.73 -4.33
CA ARG A 261 8.49 15.57 -4.72
C ARG A 261 8.60 14.80 -6.03
N PHE A 262 7.61 13.96 -6.31
CA PHE A 262 7.61 13.18 -7.53
C PHE A 262 6.21 12.68 -7.85
N HIS A 263 5.88 12.70 -9.14
CA HIS A 263 4.59 12.21 -9.60
C HIS A 263 4.67 11.67 -11.02
N PHE A 264 3.99 10.56 -11.27
CA PHE A 264 3.92 9.96 -12.59
C PHE A 264 2.57 9.28 -12.74
N GLY A 265 1.77 9.77 -13.68
CA GLY A 265 0.46 9.19 -13.89
C GLY A 265 0.08 9.18 -15.35
N ALA A 266 1.09 9.07 -16.22
CA ALA A 266 0.86 9.06 -17.65
C ALA A 266 -0.21 8.05 -18.08
N GLU A 267 -1.21 8.55 -18.79
CA GLU A 267 -2.32 7.73 -19.27
C GLU A 267 -1.90 6.53 -20.12
N ASN A 268 -0.85 6.70 -20.93
CA ASN A 268 -0.38 5.63 -21.80
C ASN A 268 0.51 4.60 -21.11
N SER A 269 0.91 4.88 -19.88
CA SER A 269 1.76 3.96 -19.14
C SER A 269 0.97 2.74 -18.66
N LEU A 270 1.66 1.62 -18.49
CA LEU A 270 1.02 0.39 -18.02
C LEU A 270 1.01 0.34 -16.50
N GLY A 271 1.51 1.41 -15.86
CA GLY A 271 1.52 1.45 -14.40
C GLY A 271 2.87 1.31 -13.75
N GLY A 272 2.86 0.86 -12.49
CA GLY A 272 4.11 0.70 -11.76
C GLY A 272 3.95 0.38 -10.28
N PHE A 273 5.08 0.37 -9.58
CA PHE A 273 5.08 0.05 -8.17
C PHE A 273 6.31 0.66 -7.46
N ALA A 274 6.41 0.41 -6.17
CA ALA A 274 7.54 0.93 -5.39
C ALA A 274 8.36 -0.23 -4.85
N TYR A 275 9.68 -0.03 -4.86
CA TYR A 275 10.61 -1.03 -4.36
C TYR A 275 11.36 -0.40 -3.19
N VAL A 276 11.14 -0.93 -2.00
CA VAL A 276 11.76 -0.42 -0.78
C VAL A 276 12.94 -1.29 -0.29
N GLU A 277 14.05 -0.63 0.00
CA GLU A 277 15.26 -1.30 0.49
C GLU A 277 15.66 -0.63 1.80
N ILE A 278 15.69 -1.40 2.89
CA ILE A 278 16.03 -0.88 4.21
C ILE A 278 17.30 -1.52 4.75
N THR A 279 18.30 -0.67 5.03
CA THR A 279 19.59 -1.09 5.56
C THR A 279 19.85 -0.31 6.85
N PRO A 280 20.90 -0.66 7.59
CA PRO A 280 21.15 0.09 8.82
C PRO A 280 21.47 1.56 8.53
N LYS A 281 21.82 1.87 7.27
CA LYS A 281 22.17 3.23 6.89
C LYS A 281 20.97 4.10 6.51
N GLU A 282 19.98 3.52 5.85
CA GLU A 282 18.81 4.29 5.46
C GLU A 282 17.74 3.45 4.78
N MET A 283 16.61 4.08 4.51
CA MET A 283 15.52 3.42 3.80
C MET A 283 15.47 4.08 2.44
N SER A 284 15.53 3.27 1.38
CA SER A 284 15.48 3.81 0.04
C SER A 284 14.17 3.37 -0.58
N VAL A 285 13.62 4.22 -1.44
CA VAL A 285 12.39 3.90 -2.12
C VAL A 285 12.58 4.19 -3.59
N THR A 286 12.42 3.16 -4.41
CA THR A 286 12.56 3.32 -5.85
C THR A 286 11.22 3.06 -6.53
N TYR A 287 10.82 3.99 -7.38
CA TYR A 287 9.58 3.86 -8.12
C TYR A 287 9.95 3.25 -9.46
N ILE A 288 9.32 2.13 -9.78
CA ILE A 288 9.59 1.41 -11.02
C ILE A 288 8.35 1.27 -11.89
N GLU A 289 8.45 1.64 -13.16
CA GLU A 289 7.32 1.53 -14.10
C GLU A 289 7.16 0.08 -14.52
N ALA A 290 5.95 -0.30 -14.95
CA ALA A 290 5.68 -1.67 -15.36
C ALA A 290 6.61 -2.08 -16.48
N SER A 291 7.26 -1.08 -17.07
CA SER A 291 8.20 -1.32 -18.17
C SER A 291 9.55 -1.75 -17.63
N GLY A 292 9.71 -1.66 -16.32
CA GLY A 292 10.95 -2.07 -15.69
C GLY A 292 11.92 -0.94 -15.41
N LYS A 293 11.59 0.26 -15.87
CA LYS A 293 12.45 1.43 -15.70
C LYS A 293 12.23 2.18 -14.37
N SER A 294 13.34 2.61 -13.76
CA SER A 294 13.25 3.36 -12.52
C SER A 294 12.88 4.78 -12.90
N LEU A 295 11.93 5.35 -12.17
CA LEU A 295 11.47 6.70 -12.48
C LEU A 295 11.91 7.71 -11.44
N PHE A 296 12.15 7.23 -10.23
CA PHE A 296 12.52 8.11 -9.16
C PHE A 296 13.02 7.29 -8.01
N LYS A 297 13.93 7.87 -7.24
CA LYS A 297 14.49 7.21 -6.07
C LYS A 297 14.82 8.24 -5.01
N THR A 298 14.54 7.89 -3.75
CA THR A 298 14.82 8.76 -2.62
C THR A 298 15.13 7.86 -1.44
N LYS A 299 15.66 8.44 -0.38
CA LYS A 299 15.96 7.68 0.82
C LYS A 299 15.44 8.42 2.04
N LEU A 300 15.21 7.68 3.12
CA LEU A 300 14.70 8.24 4.38
C LEU A 300 15.63 7.74 5.48
N PRO A 301 15.89 8.58 6.50
CA PRO A 301 16.77 8.20 7.60
C PRO A 301 16.11 7.32 8.63
N ARG A 302 16.90 6.64 9.45
CA ARG A 302 16.32 5.81 10.48
C ARG A 302 15.97 6.74 11.65
N ARG A 303 15.10 6.25 12.53
CA ARG A 303 14.65 7.01 13.69
C ARG A 303 15.76 7.15 14.70
N ALA A 304 15.79 8.27 15.41
CA ALA A 304 16.82 8.50 16.41
C ALA A 304 16.90 7.30 17.37
#